data_7TSX
#
_entry.id   7TSX
#
_cell.length_a   50.262
_cell.length_b   76.546
_cell.length_c   127.631
_cell.angle_alpha   90.000
_cell.angle_beta   90.000
_cell.angle_gamma   90.000
#
_symmetry.space_group_name_H-M   'P 21 21 21'
#
loop_
_entity.id
_entity.type
_entity.pdbx_description
1 polymer Cap2
2 polymer 'Cyclic AMP-AMP-GMP synthase'
3 water water
#
loop_
_entity_poly.entity_id
_entity_poly.type
_entity_poly.pdbx_seq_one_letter_code
_entity_poly.pdbx_strand_id
1 'polypeptide(L)'
;SNANDIRSKKVLIIGAGSLGSMIAENLMRIGVVSQGILDADLLQTGNLSRHALTMTSVGHNKAAALVEHLNRILPDASAR
SFSCAFPPESEVAKNSLRQYDVIIDCTGDDGVLKSLAAFDWKSEKIFISLAMTWRAEGLFAFAASETSFPVTDASSRFNA
SASPEIDMDEARIEGIGAWHPVFPARADDVQLWAAVGTKFICRVVSAPGRIYEYFKQMPDGTVEKEPHEYGSG
;
A,B
2 'polypeptide(L)' KPAEPQKTGRFA C,D
#
# COMPACT_ATOMS: atom_id res chain seq x y z
N ASN A 2 -12.17 -23.30 -2.23
CA ASN A 2 -11.15 -24.13 -1.60
C ASN A 2 -10.02 -24.45 -2.58
N ALA A 3 -10.37 -25.11 -3.69
CA ALA A 3 -9.41 -25.35 -4.76
C ALA A 3 -9.15 -24.13 -5.61
N ASN A 4 -9.96 -23.08 -5.48
CA ASN A 4 -9.76 -21.80 -6.13
C ASN A 4 -9.37 -20.71 -5.12
N ASP A 5 -8.92 -21.10 -3.95
CA ASP A 5 -8.60 -20.18 -2.87
C ASP A 5 -7.08 -20.02 -2.80
N ILE A 6 -6.61 -18.80 -3.00
CA ILE A 6 -5.16 -18.57 -3.04
C ILE A 6 -4.52 -18.91 -1.71
N ARG A 7 -5.27 -18.81 -0.61
CA ARG A 7 -4.68 -19.05 0.70
C ARG A 7 -4.20 -20.50 0.86
N SER A 8 -4.74 -21.43 0.10
CA SER A 8 -4.30 -22.82 0.13
C SER A 8 -3.21 -23.12 -0.87
N LYS A 9 -2.77 -22.15 -1.66
CA LYS A 9 -1.80 -22.37 -2.73
C LYS A 9 -0.39 -22.03 -2.26
N LYS A 10 0.58 -22.74 -2.85
CA LYS A 10 1.99 -22.38 -2.71
C LYS A 10 2.31 -21.34 -3.80
N VAL A 11 2.71 -20.16 -3.39
CA VAL A 11 2.89 -19.03 -4.30
C VAL A 11 4.36 -18.63 -4.33
N LEU A 12 4.94 -18.60 -5.52
CA LEU A 12 6.31 -18.16 -5.75
C LEU A 12 6.30 -16.76 -6.35
N ILE A 13 7.03 -15.85 -5.73
CA ILE A 13 7.21 -14.50 -6.24
C ILE A 13 8.68 -14.35 -6.65
N ILE A 14 8.91 -14.15 -7.95
CA ILE A 14 10.23 -13.88 -8.50
C ILE A 14 10.37 -12.36 -8.55
N GLY A 15 11.27 -11.81 -7.76
CA GLY A 15 11.49 -10.39 -7.71
C GLY A 15 10.98 -9.80 -6.42
N ALA A 16 11.90 -9.47 -5.52
CA ALA A 16 11.58 -8.93 -4.20
C ALA A 16 11.94 -7.46 -4.13
N GLY A 17 11.72 -6.74 -5.22
CA GLY A 17 11.91 -5.30 -5.28
C GLY A 17 10.69 -4.54 -4.82
N SER A 18 10.48 -3.36 -5.41
CA SER A 18 9.40 -2.48 -4.97
C SER A 18 8.05 -3.20 -5.01
N LEU A 19 7.65 -3.63 -6.21
CA LEU A 19 6.31 -4.19 -6.38
C LEU A 19 6.21 -5.55 -5.72
N GLY A 20 7.20 -6.42 -5.93
CA GLY A 20 7.14 -7.77 -5.39
C GLY A 20 7.07 -7.80 -3.87
N SER A 21 7.81 -6.92 -3.21
CA SER A 21 7.82 -6.95 -1.76
C SER A 21 6.47 -6.52 -1.20
N MET A 22 5.82 -5.53 -1.83
CA MET A 22 4.54 -5.07 -1.32
C MET A 22 3.43 -6.07 -1.60
N ILE A 23 3.48 -6.71 -2.76
CA ILE A 23 2.50 -7.76 -3.08
C ILE A 23 2.64 -8.91 -2.11
N ALA A 24 3.88 -9.35 -1.88
CA ALA A 24 4.13 -10.45 -0.95
C ALA A 24 3.54 -10.14 0.42
N GLU A 25 3.74 -8.92 0.90
CA GLU A 25 3.20 -8.57 2.21
C GLU A 25 1.68 -8.59 2.18
N ASN A 26 1.07 -8.02 1.14
CA ASN A 26 -0.38 -8.06 1.04
C ASN A 26 -0.90 -9.48 1.06
N LEU A 27 -0.24 -10.37 0.31
CA LEU A 27 -0.71 -11.76 0.23
C LEU A 27 -0.56 -12.48 1.57
N MET A 28 0.52 -12.20 2.31
CA MET A 28 0.65 -12.84 3.61
C MET A 28 -0.43 -12.36 4.57
N ARG A 29 -0.72 -11.06 4.56
CA ARG A 29 -1.73 -10.56 5.48
C ARG A 29 -3.10 -11.15 5.20
N ILE A 30 -3.40 -11.49 3.95
CA ILE A 30 -4.70 -12.10 3.71
C ILE A 30 -4.68 -13.61 3.93
N GLY A 31 -3.52 -14.19 4.21
CA GLY A 31 -3.45 -15.57 4.65
C GLY A 31 -2.71 -16.52 3.73
N VAL A 32 -2.00 -15.99 2.72
CA VAL A 32 -1.21 -16.83 1.82
C VAL A 32 0.10 -17.16 2.52
N VAL A 33 0.09 -18.19 3.37
CA VAL A 33 1.22 -18.43 4.25
C VAL A 33 2.37 -19.15 3.56
N SER A 34 2.10 -19.89 2.48
CA SER A 34 3.12 -20.70 1.82
C SER A 34 3.66 -19.93 0.64
N GLN A 35 4.66 -19.10 0.88
CA GLN A 35 5.24 -18.25 -0.13
C GLN A 35 6.71 -18.58 -0.33
N GLY A 36 7.14 -18.53 -1.58
CA GLY A 36 8.55 -18.59 -1.92
C GLY A 36 8.91 -17.23 -2.53
N ILE A 37 10.07 -16.70 -2.14
CA ILE A 37 10.56 -15.41 -2.60
C ILE A 37 11.93 -15.63 -3.19
N LEU A 38 12.12 -15.22 -4.46
CA LEU A 38 13.37 -15.41 -5.17
C LEU A 38 13.93 -14.08 -5.64
N ASP A 39 15.18 -13.78 -5.25
CA ASP A 39 15.86 -12.56 -5.66
C ASP A 39 17.35 -12.69 -5.33
N ALA A 40 18.20 -12.33 -6.27
CA ALA A 40 19.64 -12.44 -6.07
C ALA A 40 20.27 -11.17 -5.51
N ASP A 41 19.54 -10.07 -5.47
CA ASP A 41 20.12 -8.76 -5.19
C ASP A 41 20.06 -8.40 -3.71
N LEU A 42 20.99 -7.53 -3.30
CA LEU A 42 20.99 -6.96 -1.96
C LEU A 42 20.10 -5.72 -1.90
N LEU A 43 19.47 -5.50 -0.75
CA LEU A 43 18.72 -4.26 -0.53
C LEU A 43 19.68 -3.11 -0.29
N GLN A 44 19.47 -1.99 -0.99
CA GLN A 44 20.31 -0.82 -0.87
C GLN A 44 19.48 0.38 -0.42
N THR A 45 20.15 1.42 0.06
CA THR A 45 19.43 2.57 0.59
C THR A 45 18.54 3.22 -0.47
N GLY A 46 18.99 3.24 -1.72
CA GLY A 46 18.18 3.79 -2.79
C GLY A 46 16.85 3.09 -3.01
N ASN A 47 16.69 1.86 -2.50
CA ASN A 47 15.44 1.14 -2.64
C ASN A 47 14.40 1.55 -1.60
N LEU A 48 14.82 2.24 -0.53
CA LEU A 48 13.96 2.38 0.65
C LEU A 48 12.75 3.26 0.36
N SER A 49 12.84 4.20 -0.57
CA SER A 49 11.71 5.08 -0.81
C SER A 49 10.54 4.35 -1.46
N ARG A 50 10.74 3.15 -1.97
CA ARG A 50 9.69 2.40 -2.65
C ARG A 50 9.80 0.91 -2.35
N HIS A 51 9.81 0.55 -1.06
CA HIS A 51 9.96 -0.85 -0.70
C HIS A 51 9.16 -1.15 0.57
N ALA A 52 8.92 -2.44 0.80
CA ALA A 52 8.28 -2.84 2.05
C ALA A 52 9.22 -2.81 3.24
N LEU A 53 10.51 -3.00 3.01
CA LEU A 53 11.46 -3.19 4.10
C LEU A 53 12.02 -1.85 4.55
N THR A 54 12.84 -1.91 5.59
CA THR A 54 13.39 -0.71 6.19
C THR A 54 14.93 -0.75 6.17
N MET A 55 15.53 0.26 6.81
CA MET A 55 16.99 0.31 6.87
C MET A 55 17.61 -0.90 7.55
N THR A 56 16.86 -1.59 8.42
CA THR A 56 17.42 -2.79 9.06
C THR A 56 17.78 -3.88 8.06
N SER A 57 17.22 -3.84 6.85
CA SER A 57 17.53 -4.84 5.84
C SER A 57 18.54 -4.39 4.80
N VAL A 58 19.03 -3.14 4.88
CA VAL A 58 20.05 -2.70 3.94
C VAL A 58 21.27 -3.61 4.06
N GLY A 59 21.77 -4.08 2.90
CA GLY A 59 22.93 -4.95 2.88
C GLY A 59 22.60 -6.42 2.97
N HIS A 60 21.33 -6.76 3.09
CA HIS A 60 20.88 -8.14 3.12
C HIS A 60 20.23 -8.50 1.80
N ASN A 61 20.26 -9.79 1.48
CA ASN A 61 19.59 -10.26 0.28
C ASN A 61 18.12 -9.92 0.37
N LYS A 62 17.56 -9.40 -0.72
CA LYS A 62 16.18 -8.92 -0.71
C LYS A 62 15.20 -10.05 -0.37
N ALA A 63 15.44 -11.25 -0.90
CA ALA A 63 14.52 -12.36 -0.67
C ALA A 63 14.60 -12.83 0.77
N ALA A 64 15.82 -13.03 1.28
CA ALA A 64 15.99 -13.46 2.66
C ALA A 64 15.40 -12.45 3.63
N ALA A 65 15.65 -11.16 3.39
CA ALA A 65 15.13 -10.12 4.28
C ALA A 65 13.60 -10.03 4.19
N LEU A 66 13.04 -10.13 2.99
CA LEU A 66 11.59 -10.09 2.86
C LEU A 66 10.96 -11.26 3.58
N VAL A 67 11.56 -12.44 3.47
CA VAL A 67 10.99 -13.63 4.10
C VAL A 67 10.98 -13.47 5.62
N GLU A 68 12.02 -12.87 6.18
CA GLU A 68 12.05 -12.61 7.62
C GLU A 68 10.90 -11.70 8.04
N HIS A 69 10.61 -10.68 7.23
CA HIS A 69 9.48 -9.78 7.48
C HIS A 69 8.15 -10.54 7.35
N LEU A 70 7.96 -11.25 6.25
CA LEU A 70 6.70 -11.96 6.04
C LEU A 70 6.42 -12.94 7.20
N ASN A 71 7.47 -13.62 7.67
CA ASN A 71 7.25 -14.61 8.72
C ASN A 71 6.97 -14.00 10.07
N ARG A 72 7.07 -12.69 10.22
CA ARG A 72 6.65 -11.99 11.43
C ARG A 72 5.21 -11.47 11.37
N ILE A 73 4.49 -11.74 10.28
CA ILE A 73 3.14 -11.21 10.12
C ILE A 73 2.09 -12.12 10.73
N LEU A 74 2.18 -13.44 10.48
CA LEU A 74 1.20 -14.38 11.00
C LEU A 74 1.88 -15.54 11.70
N PRO A 75 1.23 -16.14 12.72
CA PRO A 75 1.86 -17.25 13.43
C PRO A 75 2.17 -18.45 12.55
N ASP A 76 1.39 -18.67 11.49
CA ASP A 76 1.58 -19.80 10.60
C ASP A 76 2.25 -19.43 9.29
N ALA A 77 2.78 -18.22 9.16
CA ALA A 77 3.53 -17.84 7.97
C ALA A 77 4.65 -18.83 7.74
N SER A 78 4.81 -19.25 6.49
CA SER A 78 5.79 -20.24 6.10
C SER A 78 6.51 -19.80 4.84
N ALA A 79 6.96 -18.55 4.83
CA ALA A 79 7.72 -18.03 3.70
C ALA A 79 9.13 -18.62 3.67
N ARG A 80 9.63 -18.87 2.46
CA ARG A 80 10.97 -19.42 2.26
C ARG A 80 11.67 -18.60 1.19
N SER A 81 12.97 -18.35 1.39
CA SER A 81 13.73 -17.51 0.49
C SER A 81 14.63 -18.34 -0.45
N PHE A 82 14.81 -17.81 -1.64
CA PHE A 82 15.77 -18.30 -2.63
C PHE A 82 16.67 -17.11 -2.97
N SER A 83 17.88 -17.11 -2.41
CA SER A 83 18.83 -16.00 -2.57
C SER A 83 19.72 -16.25 -3.78
N CYS A 84 19.09 -16.25 -4.95
CA CYS A 84 19.77 -16.58 -6.19
C CYS A 84 18.99 -15.97 -7.35
N ALA A 85 19.58 -16.03 -8.54
CA ALA A 85 18.88 -15.61 -9.74
C ALA A 85 18.00 -16.75 -10.26
N PHE A 86 17.07 -16.40 -11.12
CA PHE A 86 16.24 -17.44 -11.72
C PHE A 86 16.79 -17.76 -13.10
N PRO A 87 16.97 -19.04 -13.47
CA PRO A 87 16.76 -20.24 -12.65
C PRO A 87 17.94 -20.59 -11.74
N PRO A 88 17.67 -21.31 -10.64
CA PRO A 88 18.78 -21.78 -9.80
C PRO A 88 19.58 -22.86 -10.51
N GLU A 89 20.85 -22.97 -10.12
CA GLU A 89 21.70 -24.01 -10.70
C GLU A 89 21.50 -25.36 -10.04
N SER A 90 21.20 -25.38 -8.74
CA SER A 90 20.97 -26.63 -8.02
C SER A 90 19.71 -27.30 -8.51
N GLU A 91 19.80 -28.60 -8.81
CA GLU A 91 18.61 -29.37 -9.14
C GLU A 91 17.68 -29.49 -7.94
N VAL A 92 18.23 -29.54 -6.73
CA VAL A 92 17.39 -29.55 -5.53
C VAL A 92 16.60 -28.26 -5.44
N ALA A 93 17.23 -27.13 -5.79
CA ALA A 93 16.52 -25.85 -5.77
C ALA A 93 15.47 -25.77 -6.88
N LYS A 94 15.81 -26.28 -8.07
CA LYS A 94 14.84 -26.30 -9.15
C LYS A 94 13.59 -27.10 -8.75
N ASN A 95 13.80 -28.26 -8.15
CA ASN A 95 12.67 -29.08 -7.72
C ASN A 95 11.86 -28.38 -6.63
N SER A 96 12.52 -27.61 -5.76
CA SER A 96 11.79 -26.83 -4.77
C SER A 96 10.89 -25.81 -5.46
N LEU A 97 11.40 -25.15 -6.50
CA LEU A 97 10.58 -24.17 -7.21
C LEU A 97 9.42 -24.83 -7.93
N ARG A 98 9.62 -26.02 -8.47
CA ARG A 98 8.57 -26.76 -9.18
C ARG A 98 7.44 -27.18 -8.27
N GLN A 99 7.62 -27.10 -6.94
CA GLN A 99 6.55 -27.42 -6.00
C GLN A 99 5.51 -26.32 -5.88
N TYR A 100 5.79 -25.11 -6.35
CA TYR A 100 4.85 -24.01 -6.20
C TYR A 100 3.76 -24.08 -7.27
N ASP A 101 2.56 -23.63 -6.89
CA ASP A 101 1.38 -23.70 -7.72
C ASP A 101 1.19 -22.43 -8.57
N VAL A 102 1.55 -21.28 -8.03
CA VAL A 102 1.35 -19.98 -8.66
C VAL A 102 2.71 -19.33 -8.78
N ILE A 103 3.09 -18.95 -9.99
CA ILE A 103 4.41 -18.38 -10.28
C ILE A 103 4.20 -16.93 -10.70
N ILE A 104 4.68 -15.99 -9.89
CA ILE A 104 4.42 -14.57 -10.08
C ILE A 104 5.72 -13.85 -10.39
N ASP A 105 5.80 -13.31 -11.61
CA ASP A 105 6.95 -12.52 -12.04
C ASP A 105 6.72 -11.05 -11.70
N CYS A 106 7.51 -10.53 -10.76
CA CYS A 106 7.50 -9.11 -10.43
C CYS A 106 8.87 -8.48 -10.66
N THR A 107 9.46 -8.71 -11.82
CA THR A 107 10.79 -8.20 -12.14
C THR A 107 10.81 -7.10 -13.18
N GLY A 108 9.81 -7.05 -14.07
CA GLY A 108 9.85 -6.14 -15.19
C GLY A 108 10.97 -6.41 -16.16
N ASP A 109 11.54 -7.61 -16.12
CA ASP A 109 12.72 -7.98 -16.89
C ASP A 109 12.32 -8.96 -17.99
N ASP A 110 12.60 -8.59 -19.25
CA ASP A 110 12.27 -9.47 -20.36
C ASP A 110 13.08 -10.77 -20.32
N GLY A 111 14.29 -10.72 -19.76
CA GLY A 111 15.08 -11.92 -19.63
C GLY A 111 14.45 -12.94 -18.70
N VAL A 112 13.75 -12.46 -17.66
CA VAL A 112 13.06 -13.36 -16.76
C VAL A 112 11.87 -14.02 -17.46
N LEU A 113 11.14 -13.26 -18.29
CA LEU A 113 10.04 -13.85 -19.04
C LEU A 113 10.54 -15.00 -19.92
N LYS A 114 11.66 -14.77 -20.62
CA LYS A 114 12.23 -15.83 -21.44
C LYS A 114 12.65 -17.03 -20.58
N SER A 115 13.28 -16.77 -19.44
CA SER A 115 13.68 -17.87 -18.56
C SER A 115 12.48 -18.64 -18.06
N LEU A 116 11.39 -17.93 -17.73
CA LEU A 116 10.17 -18.61 -17.31
C LEU A 116 9.69 -19.59 -18.38
N ALA A 117 9.80 -19.21 -19.66
CA ALA A 117 9.32 -20.06 -20.74
C ALA A 117 10.24 -21.23 -21.00
N ALA A 118 11.54 -21.07 -20.76
CA ALA A 118 12.49 -22.15 -21.02
C ALA A 118 12.61 -23.13 -19.86
N PHE A 119 12.26 -22.70 -18.65
CA PHE A 119 12.28 -23.57 -17.47
C PHE A 119 11.25 -24.69 -17.63
N ASP A 120 11.62 -25.88 -17.17
CA ASP A 120 10.73 -27.04 -17.21
C ASP A 120 9.97 -27.11 -15.89
N TRP A 121 8.71 -26.66 -15.90
CA TRP A 121 7.90 -26.67 -14.70
C TRP A 121 7.26 -28.03 -14.42
N LYS A 122 7.17 -28.90 -15.41
CA LYS A 122 6.87 -30.32 -15.27
C LYS A 122 5.38 -30.53 -15.03
N SER A 123 4.58 -29.50 -14.74
CA SER A 123 3.14 -29.63 -14.64
C SER A 123 2.54 -28.25 -14.86
N GLU A 124 1.21 -28.23 -15.03
CA GLU A 124 0.53 -26.97 -15.28
C GLU A 124 0.66 -26.04 -14.09
N LYS A 125 0.93 -24.77 -14.38
CA LYS A 125 1.02 -23.75 -13.36
C LYS A 125 0.11 -22.59 -13.70
N ILE A 126 -0.20 -21.78 -12.69
CA ILE A 126 -0.75 -20.45 -12.88
C ILE A 126 0.43 -19.48 -12.93
N PHE A 127 0.64 -18.85 -14.09
CA PHE A 127 1.70 -17.86 -14.28
C PHE A 127 1.07 -16.47 -14.26
N ILE A 128 1.74 -15.55 -13.56
CA ILE A 128 1.30 -14.16 -13.47
C ILE A 128 2.51 -13.26 -13.68
N SER A 129 2.35 -12.22 -14.50
CA SER A 129 3.40 -11.24 -14.73
C SER A 129 2.84 -9.87 -14.45
N LEU A 130 3.46 -9.14 -13.53
CA LEU A 130 3.03 -7.81 -13.13
C LEU A 130 4.20 -6.85 -13.18
N ALA A 131 3.99 -5.66 -13.75
CA ALA A 131 5.00 -4.62 -13.78
C ALA A 131 4.32 -3.30 -14.09
N MET A 132 4.98 -2.21 -13.70
CA MET A 132 4.47 -0.86 -13.89
C MET A 132 5.16 -0.19 -15.08
N THR A 133 4.56 0.90 -15.54
CA THR A 133 5.21 1.75 -16.52
C THR A 133 6.28 2.60 -15.84
N TRP A 134 7.03 3.35 -16.66
CA TRP A 134 8.20 4.10 -16.20
C TRP A 134 7.88 5.00 -15.01
N ARG A 135 6.88 5.86 -15.17
CA ARG A 135 6.48 6.77 -14.10
C ARG A 135 5.29 6.24 -13.33
N ALA A 136 5.09 4.92 -13.33
CA ALA A 136 4.02 4.26 -12.60
C ALA A 136 2.65 4.82 -12.96
N GLU A 137 2.51 5.34 -14.19
CA GLU A 137 1.19 5.77 -14.65
C GLU A 137 0.26 4.59 -14.92
N GLY A 138 0.82 3.40 -15.18
CA GLY A 138 0.01 2.25 -15.52
C GLY A 138 0.60 0.97 -14.96
N LEU A 139 -0.19 -0.10 -15.06
CA LEU A 139 0.18 -1.42 -14.57
C LEU A 139 -0.15 -2.46 -15.63
N PHE A 140 0.86 -3.25 -16.02
CA PHE A 140 0.69 -4.39 -16.92
C PHE A 140 0.33 -5.59 -16.05
N ALA A 141 -0.77 -6.29 -16.39
CA ALA A 141 -1.20 -7.46 -15.62
C ALA A 141 -1.54 -8.60 -16.59
N PHE A 142 -0.72 -9.65 -16.55
CA PHE A 142 -0.86 -10.80 -17.44
C PHE A 142 -0.93 -12.08 -16.63
N ALA A 143 -1.79 -13.00 -17.06
CA ALA A 143 -1.89 -14.30 -16.40
C ALA A 143 -2.20 -15.38 -17.41
N ALA A 144 -1.67 -16.57 -17.15
CA ALA A 144 -1.90 -17.75 -17.97
C ALA A 144 -1.91 -18.97 -17.07
N SER A 145 -2.56 -20.03 -17.53
CA SER A 145 -2.62 -21.31 -16.84
C SER A 145 -2.12 -22.35 -17.84
N GLU A 146 -0.82 -22.64 -17.79
CA GLU A 146 -0.19 -23.48 -18.79
C GLU A 146 0.93 -24.30 -18.13
N THR A 147 1.48 -25.24 -18.91
CA THR A 147 2.67 -25.95 -18.47
C THR A 147 3.94 -25.16 -18.78
N SER A 148 3.92 -24.36 -19.86
CA SER A 148 5.04 -23.51 -20.23
C SER A 148 4.55 -22.07 -20.31
N PHE A 149 5.34 -21.14 -19.82
CA PHE A 149 4.92 -19.74 -19.79
C PHE A 149 4.87 -19.18 -21.20
N PRO A 150 3.76 -18.57 -21.63
CA PRO A 150 3.64 -18.03 -23.01
C PRO A 150 4.27 -16.65 -23.18
N VAL A 151 5.60 -16.64 -23.34
CA VAL A 151 6.34 -15.38 -23.35
C VAL A 151 5.95 -14.54 -24.56
N THR A 152 5.71 -15.18 -25.70
CA THR A 152 5.43 -14.41 -26.92
C THR A 152 4.12 -13.66 -26.81
N ASP A 153 3.08 -14.31 -26.29
CA ASP A 153 1.80 -13.63 -26.11
C ASP A 153 1.91 -12.54 -25.07
N ALA A 154 2.60 -12.81 -23.96
CA ALA A 154 2.77 -11.79 -22.93
C ALA A 154 3.44 -10.54 -23.49
N SER A 155 4.55 -10.72 -24.21
CA SER A 155 5.25 -9.58 -24.80
C SER A 155 4.35 -8.83 -25.78
N SER A 156 3.56 -9.56 -26.56
CA SER A 156 2.67 -8.90 -27.52
C SER A 156 1.66 -8.02 -26.81
N ARG A 157 1.10 -8.50 -25.70
CA ARG A 157 0.12 -7.70 -24.96
C ARG A 157 0.78 -6.48 -24.33
N PHE A 158 1.98 -6.64 -23.77
CA PHE A 158 2.70 -5.52 -23.20
C PHE A 158 2.97 -4.46 -24.26
N ASN A 159 3.49 -4.87 -25.43
CA ASN A 159 3.85 -3.90 -26.46
C ASN A 159 2.62 -3.16 -26.97
N ALA A 160 1.49 -3.85 -27.07
CA ALA A 160 0.28 -3.21 -27.59
C ALA A 160 -0.21 -2.12 -26.65
N SER A 161 -0.07 -2.32 -25.34
CA SER A 161 -0.56 -1.33 -24.39
C SER A 161 0.38 -0.12 -24.33
N ALA A 162 1.66 -0.32 -24.64
CA ALA A 162 2.65 0.75 -24.58
C ALA A 162 2.62 1.59 -25.86
N GLY A 177 1.96 19.00 -8.60
CA GLY A 177 2.93 18.47 -7.64
C GLY A 177 3.43 17.08 -7.96
N ALA A 178 4.38 16.58 -7.16
CA ALA A 178 4.99 15.28 -7.39
C ALA A 178 4.02 14.12 -7.22
N TRP A 179 2.76 14.40 -6.82
CA TRP A 179 1.74 13.37 -6.74
C TRP A 179 1.19 12.97 -8.10
N HIS A 180 1.33 13.85 -9.10
CA HIS A 180 0.75 13.60 -10.42
C HIS A 180 1.33 12.31 -11.01
N PRO A 181 0.50 11.50 -11.69
CA PRO A 181 1.04 10.28 -12.31
C PRO A 181 2.22 10.50 -13.25
N VAL A 182 2.35 11.71 -13.78
CA VAL A 182 3.37 12.00 -14.77
C VAL A 182 4.69 12.41 -14.12
N PHE A 183 4.81 12.14 -12.83
CA PHE A 183 6.04 12.35 -12.09
C PHE A 183 6.65 11.01 -11.69
N PRO A 184 7.94 10.99 -11.30
CA PRO A 184 8.58 9.71 -10.94
C PRO A 184 7.79 8.92 -9.90
N ALA A 185 8.01 7.62 -9.85
CA ALA A 185 7.21 6.73 -9.03
C ALA A 185 7.60 6.84 -7.56
N ARG A 186 6.62 7.00 -6.70
CA ARG A 186 6.79 7.10 -5.27
C ARG A 186 6.17 5.90 -4.60
N ALA A 187 6.32 5.82 -3.27
CA ALA A 187 5.80 4.68 -2.53
C ALA A 187 4.31 4.53 -2.73
N ASP A 188 3.57 5.65 -2.77
CA ASP A 188 2.12 5.56 -2.90
C ASP A 188 1.74 4.97 -4.25
N ASP A 189 2.52 5.28 -5.30
CA ASP A 189 2.28 4.69 -6.61
C ASP A 189 2.46 3.18 -6.56
N VAL A 190 3.55 2.72 -5.97
CA VAL A 190 3.81 1.28 -5.93
C VAL A 190 2.78 0.57 -5.05
N GLN A 191 2.40 1.17 -3.91
CA GLN A 191 1.38 0.56 -3.06
C GLN A 191 0.05 0.46 -3.82
N LEU A 192 -0.31 1.50 -4.58
CA LEU A 192 -1.53 1.43 -5.38
C LEU A 192 -1.51 0.21 -6.29
N TRP A 193 -0.43 0.05 -7.06
CA TRP A 193 -0.37 -1.05 -8.02
C TRP A 193 -0.14 -2.40 -7.34
N ALA A 194 0.52 -2.41 -6.18
CA ALA A 194 0.60 -3.66 -5.43
C ALA A 194 -0.79 -4.09 -4.95
N ALA A 195 -1.63 -3.13 -4.61
CA ALA A 195 -2.98 -3.44 -4.17
C ALA A 195 -3.80 -3.96 -5.35
N VAL A 196 -3.79 -3.22 -6.46
CA VAL A 196 -4.50 -3.65 -7.65
C VAL A 196 -3.95 -4.99 -8.12
N GLY A 197 -2.63 -5.15 -8.07
CA GLY A 197 -2.01 -6.40 -8.51
C GLY A 197 -2.36 -7.56 -7.61
N THR A 198 -2.44 -7.33 -6.29
CA THR A 198 -2.88 -8.38 -5.38
C THR A 198 -4.31 -8.83 -5.71
N LYS A 199 -5.19 -7.87 -5.98
CA LYS A 199 -6.55 -8.20 -6.37
C LYS A 199 -6.56 -9.00 -7.66
N PHE A 200 -5.71 -8.60 -8.62
CA PHE A 200 -5.57 -9.35 -9.87
C PHE A 200 -5.15 -10.78 -9.61
N ILE A 201 -4.14 -10.97 -8.75
CA ILE A 201 -3.67 -12.31 -8.42
C ILE A 201 -4.80 -13.14 -7.83
N CYS A 202 -5.53 -12.56 -6.88
CA CYS A 202 -6.62 -13.30 -6.26
C CYS A 202 -7.69 -13.68 -7.27
N ARG A 203 -8.03 -12.74 -8.17
CA ARG A 203 -9.09 -13.02 -9.14
C ARG A 203 -8.65 -14.09 -10.14
N VAL A 204 -7.39 -14.07 -10.54
CA VAL A 204 -6.91 -15.07 -11.50
C VAL A 204 -6.94 -16.45 -10.88
N VAL A 205 -6.46 -16.59 -9.65
CA VAL A 205 -6.42 -17.90 -9.03
C VAL A 205 -7.82 -18.41 -8.77
N SER A 206 -8.77 -17.51 -8.53
CA SER A 206 -10.16 -17.92 -8.32
C SER A 206 -10.80 -18.43 -9.60
N ALA A 207 -10.37 -17.90 -10.75
CA ALA A 207 -10.92 -18.29 -12.06
C ALA A 207 -9.77 -18.29 -13.05
N PRO A 208 -8.96 -19.35 -13.06
CA PRO A 208 -7.73 -19.33 -13.87
C PRO A 208 -8.03 -19.36 -15.36
N GLY A 209 -7.09 -18.81 -16.13
CA GLY A 209 -7.24 -18.72 -17.57
C GLY A 209 -6.29 -17.70 -18.12
N ARG A 210 -6.36 -17.51 -19.43
CA ARG A 210 -5.54 -16.51 -20.10
C ARG A 210 -6.22 -15.16 -19.95
N ILE A 211 -5.56 -14.23 -19.24
CA ILE A 211 -6.16 -12.93 -18.93
C ILE A 211 -5.08 -11.86 -19.07
N TYR A 212 -5.45 -10.75 -19.71
CA TYR A 212 -4.58 -9.58 -19.73
C TYR A 212 -5.40 -8.33 -19.47
N GLU A 213 -4.93 -7.50 -18.54
CA GLU A 213 -5.56 -6.23 -18.20
C GLU A 213 -4.47 -5.17 -18.07
N TYR A 214 -4.78 -3.95 -18.47
CA TYR A 214 -3.87 -2.82 -18.36
C TYR A 214 -4.57 -1.71 -17.57
N PHE A 215 -3.98 -1.32 -16.45
CA PHE A 215 -4.55 -0.32 -15.57
C PHE A 215 -3.82 1.00 -15.72
N LYS A 216 -4.53 2.09 -15.47
CA LYS A 216 -4.00 3.44 -15.57
C LYS A 216 -4.54 4.28 -14.42
N GLN A 217 -3.67 4.99 -13.73
CA GLN A 217 -4.10 5.95 -12.71
C GLN A 217 -4.18 7.34 -13.31
N MET A 218 -5.18 8.10 -12.86
CA MET A 218 -5.50 9.40 -13.41
C MET A 218 -5.13 10.51 -12.44
N PRO A 219 -4.93 11.74 -12.94
CA PRO A 219 -4.58 12.85 -12.04
C PRO A 219 -5.62 13.11 -10.96
N ASP A 220 -6.91 12.87 -11.23
CA ASP A 220 -7.95 13.12 -10.24
C ASP A 220 -8.04 12.02 -9.17
N GLY A 221 -7.12 11.06 -9.19
CA GLY A 221 -7.09 10.01 -8.19
C GLY A 221 -7.76 8.70 -8.59
N THR A 222 -8.47 8.70 -9.71
CA THR A 222 -9.19 7.51 -10.13
C THR A 222 -8.24 6.50 -10.80
N VAL A 223 -8.75 5.29 -11.01
CA VAL A 223 -8.01 4.21 -11.63
C VAL A 223 -8.92 3.55 -12.65
N GLU A 224 -8.45 3.43 -13.89
CA GLU A 224 -9.20 2.86 -14.99
C GLU A 224 -8.51 1.59 -15.49
N LYS A 225 -9.29 0.75 -16.18
CA LYS A 225 -8.77 -0.51 -16.71
C LYS A 225 -9.11 -0.64 -18.19
N GLU A 226 -8.21 -1.28 -18.94
CA GLU A 226 -8.47 -1.69 -20.33
C GLU A 226 -8.33 -3.20 -20.39
N PRO A 227 -9.37 -3.95 -20.78
CA PRO A 227 -10.69 -3.46 -21.22
C PRO A 227 -11.56 -3.02 -20.04
N HIS A 228 -12.41 -2.02 -20.28
CA HIS A 228 -13.31 -1.53 -19.25
C HIS A 228 -14.32 -2.60 -18.86
N GLU A 229 -14.55 -2.74 -17.56
CA GLU A 229 -15.48 -3.77 -17.09
C GLU A 229 -16.55 -3.21 -16.16
N TYR A 230 -16.14 -2.45 -15.15
CA TYR A 230 -17.04 -2.01 -14.10
C TYR A 230 -17.27 -0.51 -14.17
N GLY A 231 -18.52 -0.11 -13.90
CA GLY A 231 -18.88 1.30 -13.85
C GLY A 231 -19.13 1.89 -15.21
N SER A 232 -19.25 3.22 -15.22
CA SER A 232 -19.51 3.97 -16.45
C SER A 232 -18.26 4.06 -17.32
N ASN B 2 8.00 25.85 -2.12
CA ASN B 2 8.21 24.80 -1.14
C ASN B 2 7.27 24.96 0.05
N ALA B 3 6.56 26.09 0.09
CA ALA B 3 5.49 26.26 1.08
C ALA B 3 4.26 25.42 0.76
N ASN B 4 4.21 24.83 -0.44
CA ASN B 4 3.18 23.87 -0.82
C ASN B 4 3.75 22.46 -0.99
N ASP B 5 4.89 22.18 -0.35
CA ASP B 5 5.52 20.87 -0.39
C ASP B 5 5.32 20.20 0.97
N ILE B 6 4.59 19.08 0.97
CA ILE B 6 4.28 18.40 2.22
C ILE B 6 5.57 17.91 2.90
N ARG B 7 6.62 17.67 2.12
CA ARG B 7 7.85 17.16 2.74
C ARG B 7 8.45 18.16 3.74
N SER B 8 8.15 19.44 3.58
CA SER B 8 8.64 20.47 4.49
C SER B 8 7.69 20.74 5.66
N LYS B 9 6.57 20.04 5.71
CA LYS B 9 5.55 20.27 6.73
C LYS B 9 5.71 19.30 7.91
N LYS B 10 5.35 19.79 9.10
CA LYS B 10 5.18 18.96 10.29
C LYS B 10 3.76 18.40 10.24
N VAL B 11 3.65 17.07 10.14
CA VAL B 11 2.37 16.41 9.93
C VAL B 11 2.02 15.58 11.16
N LEU B 12 0.84 15.83 11.73
CA LEU B 12 0.29 15.05 12.84
C LEU B 12 -0.77 14.09 12.31
N ILE B 13 -0.61 12.81 12.62
CA ILE B 13 -1.59 11.79 12.25
C ILE B 13 -2.25 11.30 13.53
N ILE B 14 -3.55 11.51 13.65
CA ILE B 14 -4.33 11.08 14.79
C ILE B 14 -4.97 9.75 14.40
N GLY B 15 -4.58 8.69 15.09
CA GLY B 15 -5.07 7.37 14.76
C GLY B 15 -4.01 6.57 14.02
N ALA B 16 -3.45 5.58 14.71
CA ALA B 16 -2.38 4.74 14.16
C ALA B 16 -2.88 3.33 13.90
N GLY B 17 -4.13 3.22 13.43
CA GLY B 17 -4.75 1.96 13.10
C GLY B 17 -4.42 1.55 11.69
N SER B 18 -5.37 0.85 11.06
CA SER B 18 -5.14 0.29 9.73
C SER B 18 -4.77 1.38 8.74
N LEU B 19 -5.63 2.39 8.57
CA LEU B 19 -5.40 3.41 7.55
C LEU B 19 -4.27 4.35 7.93
N GLY B 20 -4.29 4.83 9.19
CA GLY B 20 -3.29 5.78 9.61
C GLY B 20 -1.87 5.22 9.56
N SER B 21 -1.70 3.96 9.97
CA SER B 21 -0.35 3.39 9.94
C SER B 21 0.17 3.30 8.51
N MET B 22 -0.70 2.94 7.57
CA MET B 22 -0.26 2.79 6.19
C MET B 22 0.00 4.15 5.54
N ILE B 23 -0.85 5.14 5.84
CA ILE B 23 -0.61 6.49 5.33
C ILE B 23 0.69 7.04 5.91
N ALA B 24 0.92 6.88 7.22
CA ALA B 24 2.15 7.38 7.81
C ALA B 24 3.39 6.78 7.13
N GLU B 25 3.36 5.47 6.86
CA GLU B 25 4.48 4.83 6.19
C GLU B 25 4.69 5.41 4.80
N ASN B 26 3.60 5.58 4.03
CA ASN B 26 3.74 6.13 2.69
C ASN B 26 4.36 7.52 2.75
N LEU B 27 3.85 8.37 3.65
CA LEU B 27 4.35 9.73 3.76
C LEU B 27 5.82 9.75 4.15
N MET B 28 6.22 8.85 5.03
CA MET B 28 7.63 8.78 5.42
C MET B 28 8.49 8.40 4.22
N ARG B 29 8.05 7.39 3.45
CA ARG B 29 8.85 6.96 2.30
C ARG B 29 9.01 8.07 1.26
N ILE B 30 8.02 8.95 1.11
CA ILE B 30 8.22 10.01 0.13
C ILE B 30 9.00 11.19 0.69
N GLY B 31 9.28 11.20 1.99
CA GLY B 31 10.16 12.19 2.57
C GLY B 31 9.53 13.15 3.56
N VAL B 32 8.32 12.87 4.01
CA VAL B 32 7.68 13.65 5.07
C VAL B 32 8.25 13.18 6.40
N VAL B 33 9.43 13.71 6.77
CA VAL B 33 10.17 13.15 7.89
C VAL B 33 9.64 13.64 9.24
N SER B 34 9.01 14.82 9.30
CA SER B 34 8.59 15.38 10.58
C SER B 34 7.14 14.98 10.84
N GLN B 35 6.95 13.83 11.47
CA GLN B 35 5.62 13.31 11.73
C GLN B 35 5.40 13.17 13.23
N GLY B 36 4.18 13.48 13.66
CA GLY B 36 3.71 13.13 14.99
C GLY B 36 2.57 12.13 14.87
N ILE B 37 2.61 11.10 15.72
CA ILE B 37 1.64 9.99 15.67
C ILE B 37 0.95 9.92 17.02
N LEU B 38 -0.38 10.04 17.01
CA LEU B 38 -1.16 10.11 18.25
C LEU B 38 -2.12 8.93 18.31
N ASP B 39 -1.95 8.09 19.32
CA ASP B 39 -2.83 6.95 19.53
C ASP B 39 -2.63 6.40 20.93
N ALA B 40 -3.71 6.26 21.70
CA ALA B 40 -3.61 5.82 23.08
C ALA B 40 -3.73 4.31 23.24
N ASP B 41 -4.02 3.57 22.18
CA ASP B 41 -4.41 2.17 22.30
C ASP B 41 -3.29 1.22 21.89
N LEU B 42 -3.41 -0.01 22.37
CA LEU B 42 -2.43 -1.05 22.06
C LEU B 42 -2.74 -1.73 20.74
N LEU B 43 -1.68 -2.15 20.04
CA LEU B 43 -1.85 -2.92 18.83
C LEU B 43 -2.26 -4.34 19.16
N GLN B 44 -3.34 -4.79 18.54
CA GLN B 44 -3.94 -6.09 18.82
C GLN B 44 -3.63 -7.05 17.68
N THR B 45 -3.59 -8.35 17.99
CA THR B 45 -3.26 -9.34 16.97
C THR B 45 -4.28 -9.30 15.83
N GLY B 46 -5.54 -9.05 16.15
CA GLY B 46 -6.55 -8.92 15.10
C GLY B 46 -6.29 -7.81 14.11
N ASN B 47 -5.48 -6.82 14.48
CA ASN B 47 -5.22 -5.69 13.60
C ASN B 47 -4.30 -6.05 12.43
N LEU B 48 -3.49 -7.09 12.58
CA LEU B 48 -2.38 -7.30 11.66
C LEU B 48 -2.80 -7.71 10.25
N SER B 49 -4.02 -8.20 10.08
CA SER B 49 -4.50 -8.50 8.73
C SER B 49 -4.59 -7.24 7.89
N ARG B 50 -4.58 -6.07 8.50
CA ARG B 50 -4.74 -4.82 7.76
C ARG B 50 -4.02 -3.70 8.50
N HIS B 51 -2.72 -3.86 8.69
CA HIS B 51 -1.91 -2.88 9.41
C HIS B 51 -0.52 -2.85 8.78
N ALA B 52 0.21 -1.78 9.07
CA ALA B 52 1.57 -1.65 8.59
C ALA B 52 2.56 -2.50 9.38
N LEU B 53 2.27 -2.80 10.64
CA LEU B 53 3.24 -3.42 11.53
C LEU B 53 3.08 -4.94 11.56
N THR B 54 3.89 -5.60 12.41
CA THR B 54 3.91 -7.06 12.48
C THR B 54 3.69 -7.57 13.91
N MET B 55 3.82 -8.88 14.11
CA MET B 55 3.59 -9.45 15.43
C MET B 55 4.52 -8.86 16.49
N THR B 56 5.68 -8.34 16.08
CA THR B 56 6.63 -7.81 17.05
C THR B 56 6.11 -6.56 17.74
N SER B 57 5.05 -5.94 17.23
CA SER B 57 4.47 -4.76 17.85
C SER B 57 3.19 -5.06 18.60
N VAL B 58 2.71 -6.30 18.55
CA VAL B 58 1.47 -6.65 19.24
C VAL B 58 1.66 -6.49 20.74
N GLY B 59 0.69 -5.83 21.39
CA GLY B 59 0.77 -5.56 22.80
C GLY B 59 1.46 -4.27 23.17
N HIS B 60 2.04 -3.58 22.20
CA HIS B 60 2.67 -2.29 22.41
C HIS B 60 1.70 -1.17 21.99
N ASN B 61 1.95 0.02 22.53
CA ASN B 61 1.19 1.19 22.11
C ASN B 61 1.33 1.42 20.60
N LYS B 62 0.20 1.64 19.94
CA LYS B 62 0.21 1.74 18.48
C LYS B 62 1.05 2.92 18.01
N ALA B 63 0.98 4.05 18.70
CA ALA B 63 1.76 5.21 18.28
C ALA B 63 3.25 4.97 18.48
N ALA B 64 3.64 4.49 19.66
CA ALA B 64 5.05 4.27 19.94
C ALA B 64 5.64 3.23 19.00
N ALA B 65 4.91 2.13 18.75
CA ALA B 65 5.40 1.09 17.86
C ALA B 65 5.50 1.59 16.42
N LEU B 66 4.52 2.38 15.97
CA LEU B 66 4.59 2.88 14.60
C LEU B 66 5.78 3.82 14.43
N VAL B 67 6.00 4.69 15.43
CA VAL B 67 7.11 5.64 15.34
C VAL B 67 8.44 4.92 15.29
N GLU B 68 8.60 3.84 16.08
CA GLU B 68 9.84 3.06 16.00
C GLU B 68 10.07 2.53 14.60
N HIS B 69 9.01 2.05 13.95
CA HIS B 69 9.09 1.59 12.56
C HIS B 69 9.42 2.73 11.61
N LEU B 70 8.67 3.84 11.71
CA LEU B 70 8.86 4.96 10.78
C LEU B 70 10.30 5.46 10.82
N ASN B 71 10.88 5.54 12.03
CA ASN B 71 12.22 6.09 12.14
C ASN B 71 13.30 5.15 11.61
N ARG B 72 12.95 3.93 11.25
CA ARG B 72 13.85 3.01 10.58
C ARG B 72 13.70 3.01 9.07
N ILE B 73 12.79 3.83 8.52
CA ILE B 73 12.55 3.81 7.08
C ILE B 73 13.59 4.65 6.34
N LEU B 74 13.85 5.87 6.79
CA LEU B 74 14.80 6.77 6.15
C LEU B 74 15.76 7.34 7.19
N PRO B 75 17.00 7.63 6.79
CA PRO B 75 17.95 8.22 7.75
C PRO B 75 17.43 9.47 8.43
N ASP B 76 16.75 10.36 7.70
CA ASP B 76 16.32 11.64 8.24
C ASP B 76 14.94 11.60 8.88
N ALA B 77 14.33 10.41 8.98
CA ALA B 77 13.03 10.30 9.65
C ALA B 77 13.08 10.91 11.04
N SER B 78 12.02 11.62 11.39
CA SER B 78 11.97 12.34 12.65
C SER B 78 10.58 12.24 13.25
N ALA B 79 10.07 11.02 13.33
CA ALA B 79 8.74 10.78 13.87
C ALA B 79 8.74 10.81 15.39
N ARG B 80 7.63 11.27 15.95
CA ARG B 80 7.48 11.39 17.41
C ARG B 80 6.12 10.83 17.79
N SER B 81 6.06 10.10 18.90
CA SER B 81 4.83 9.45 19.32
C SER B 81 4.14 10.22 20.44
N PHE B 82 2.82 10.22 20.41
CA PHE B 82 1.98 10.74 21.48
C PHE B 82 1.06 9.61 21.90
N SER B 83 1.29 9.05 23.09
CA SER B 83 0.57 7.89 23.58
C SER B 83 -0.64 8.28 24.43
N CYS B 84 -1.16 9.47 24.23
CA CYS B 84 -2.31 9.97 24.94
C CYS B 84 -3.51 10.01 24.01
N ALA B 85 -4.69 10.17 24.60
CA ALA B 85 -5.89 10.41 23.81
C ALA B 85 -5.92 11.89 23.39
N PHE B 86 -6.59 12.16 22.31
CA PHE B 86 -6.77 13.55 21.88
C PHE B 86 -8.09 14.09 22.45
N PRO B 87 -8.07 15.25 23.13
CA PRO B 87 -6.90 16.13 23.37
C PRO B 87 -6.10 15.76 24.60
N PRO B 88 -4.80 16.07 24.61
CA PRO B 88 -4.00 15.84 25.82
C PRO B 88 -4.48 16.70 26.99
N GLU B 89 -4.07 16.29 28.19
CA GLU B 89 -4.34 17.05 29.40
C GLU B 89 -3.25 18.09 29.66
N SER B 90 -2.00 17.73 29.43
CA SER B 90 -0.89 18.64 29.66
C SER B 90 -0.94 19.82 28.69
N GLU B 91 -0.75 21.04 29.21
CA GLU B 91 -0.59 22.19 28.34
C GLU B 91 0.70 22.08 27.54
N VAL B 92 1.71 21.39 28.09
CA VAL B 92 2.91 21.10 27.33
C VAL B 92 2.58 20.25 26.11
N ALA B 93 1.82 19.18 26.32
CA ALA B 93 1.43 18.31 25.20
C ALA B 93 0.58 19.06 24.19
N LYS B 94 -0.35 19.90 24.67
CA LYS B 94 -1.18 20.69 23.75
C LYS B 94 -0.30 21.57 22.88
N ASN B 95 0.64 22.29 23.48
CA ASN B 95 1.54 23.14 22.69
C ASN B 95 2.37 22.31 21.71
N SER B 96 2.74 21.09 22.08
CA SER B 96 3.48 20.24 21.14
C SER B 96 2.62 19.94 19.92
N LEU B 97 1.34 19.65 20.12
CA LEU B 97 0.49 19.33 18.99
C LEU B 97 0.25 20.57 18.13
N ARG B 98 0.19 21.75 18.75
CA ARG B 98 -0.01 22.99 18.02
C ARG B 98 1.16 23.34 17.10
N GLN B 99 2.31 22.67 17.25
CA GLN B 99 3.43 22.95 16.38
C GLN B 99 3.24 22.38 14.98
N TYR B 100 2.37 21.39 14.81
CA TYR B 100 2.22 20.72 13.53
C TYR B 100 1.39 21.55 12.56
N ASP B 101 1.73 21.43 11.28
CA ASP B 101 1.13 22.26 10.24
C ASP B 101 -0.09 21.59 9.61
N VAL B 102 -0.04 20.27 9.50
CA VAL B 102 -1.07 19.45 8.85
C VAL B 102 -1.58 18.47 9.88
N ILE B 103 -2.89 18.45 10.09
CA ILE B 103 -3.53 17.64 11.10
C ILE B 103 -4.42 16.64 10.36
N ILE B 104 -4.09 15.36 10.47
CA ILE B 104 -4.74 14.30 9.70
C ILE B 104 -5.46 13.37 10.65
N ASP B 105 -6.78 13.31 10.52
CA ASP B 105 -7.61 12.44 11.34
C ASP B 105 -7.83 11.13 10.57
N CYS B 106 -7.27 10.03 11.09
CA CYS B 106 -7.47 8.70 10.56
C CYS B 106 -8.11 7.81 11.61
N THR B 107 -9.14 8.31 12.29
CA THR B 107 -9.80 7.54 13.34
C THR B 107 -11.16 6.99 12.94
N GLY B 108 -11.85 7.63 12.01
CA GLY B 108 -13.22 7.26 11.74
C GLY B 108 -14.17 7.53 12.89
N ASP B 109 -13.76 8.32 13.86
CA ASP B 109 -14.52 8.57 15.08
C ASP B 109 -15.14 9.97 15.06
N ASP B 110 -16.45 10.04 15.24
CA ASP B 110 -17.12 11.34 15.27
C ASP B 110 -16.69 12.16 16.48
N GLY B 111 -16.43 11.52 17.61
CA GLY B 111 -15.93 12.24 18.77
C GLY B 111 -14.64 12.98 18.50
N VAL B 112 -13.79 12.43 17.62
CA VAL B 112 -12.53 13.09 17.28
C VAL B 112 -12.80 14.31 16.40
N LEU B 113 -13.78 14.22 15.50
CA LEU B 113 -14.17 15.39 14.73
C LEU B 113 -14.58 16.54 15.65
N LYS B 114 -15.37 16.24 16.70
CA LYS B 114 -15.80 17.28 17.61
C LYS B 114 -14.63 17.80 18.44
N SER B 115 -13.72 16.91 18.85
CA SER B 115 -12.58 17.35 19.64
C SER B 115 -11.66 18.24 18.81
N LEU B 116 -11.52 17.94 17.53
CA LEU B 116 -10.71 18.79 16.67
C LEU B 116 -11.31 20.19 16.57
N ALA B 117 -12.64 20.28 16.56
CA ALA B 117 -13.30 21.57 16.44
C ALA B 117 -13.27 22.36 17.74
N ALA B 118 -13.24 21.67 18.88
CA ALA B 118 -13.20 22.33 20.17
C ALA B 118 -11.78 22.69 20.60
N PHE B 119 -10.78 21.97 20.09
CA PHE B 119 -9.39 22.27 20.41
C PHE B 119 -9.00 23.64 19.88
N ASP B 120 -8.21 24.37 20.66
CA ASP B 120 -7.70 25.68 20.26
C ASP B 120 -6.34 25.50 19.60
N TRP B 121 -6.32 25.55 18.27
CA TRP B 121 -5.10 25.32 17.52
C TRP B 121 -4.20 26.55 17.43
N LYS B 122 -4.71 27.73 17.72
CA LYS B 122 -3.98 28.96 17.92
C LYS B 122 -3.56 29.56 16.58
N SER B 123 -3.68 28.86 15.46
CA SER B 123 -3.32 29.41 14.16
C SER B 123 -3.95 28.53 13.09
N GLU B 124 -3.81 28.96 11.84
CA GLU B 124 -4.43 28.26 10.73
C GLU B 124 -3.71 26.94 10.48
N LYS B 125 -4.49 25.87 10.32
CA LYS B 125 -3.96 24.55 10.02
C LYS B 125 -4.61 24.00 8.76
N ILE B 126 -3.92 23.08 8.12
CA ILE B 126 -4.54 22.22 7.11
C ILE B 126 -5.09 21.00 7.84
N PHE B 127 -6.41 20.82 7.80
CA PHE B 127 -7.08 19.69 8.42
C PHE B 127 -7.49 18.71 7.34
N ILE B 128 -7.27 17.43 7.60
CA ILE B 128 -7.65 16.37 6.68
C ILE B 128 -8.28 15.25 7.50
N SER B 129 -9.43 14.74 7.05
CA SER B 129 -10.09 13.60 7.66
C SER B 129 -10.28 12.53 6.60
N LEU B 130 -9.79 11.32 6.88
CA LEU B 130 -9.85 10.20 5.97
C LEU B 130 -10.39 8.98 6.70
N ALA B 131 -11.34 8.29 6.08
CA ALA B 131 -11.86 7.06 6.65
C ALA B 131 -12.55 6.28 5.55
N MET B 132 -12.82 5.02 5.83
CA MET B 132 -13.44 4.11 4.88
C MET B 132 -14.84 3.72 5.33
N THR B 133 -15.64 3.25 4.37
CA THR B 133 -16.82 2.48 4.74
C THR B 133 -16.38 1.16 5.39
N TRP B 134 -17.33 0.45 5.97
CA TRP B 134 -16.95 -0.66 6.85
C TRP B 134 -16.49 -1.89 6.09
N ARG B 135 -16.97 -2.12 4.87
CA ARG B 135 -16.41 -3.12 3.99
C ARG B 135 -15.35 -2.53 3.06
N ALA B 136 -14.91 -1.30 3.33
CA ALA B 136 -13.87 -0.61 2.56
C ALA B 136 -14.25 -0.48 1.08
N GLU B 137 -15.54 -0.45 0.78
CA GLU B 137 -15.96 -0.17 -0.58
C GLU B 137 -15.72 1.29 -0.99
N GLY B 138 -15.68 2.22 -0.02
CA GLY B 138 -15.49 3.61 -0.32
C GLY B 138 -14.57 4.29 0.67
N LEU B 139 -14.10 5.47 0.27
CA LEU B 139 -13.22 6.29 1.09
C LEU B 139 -13.78 7.70 1.17
N PHE B 140 -13.98 8.20 2.39
CA PHE B 140 -14.35 9.59 2.62
C PHE B 140 -13.07 10.41 2.72
N ALA B 141 -12.98 11.51 1.99
CA ALA B 141 -11.76 12.34 1.99
C ALA B 141 -12.15 13.80 2.10
N PHE B 142 -11.86 14.42 3.25
CA PHE B 142 -12.24 15.79 3.53
C PHE B 142 -11.02 16.61 3.91
N ALA B 143 -10.97 17.86 3.45
CA ALA B 143 -9.88 18.76 3.81
C ALA B 143 -10.40 20.18 3.97
N ALA B 144 -9.73 20.91 4.86
CA ALA B 144 -10.08 22.30 5.14
C ALA B 144 -8.82 23.02 5.59
N SER B 145 -8.78 24.33 5.34
CA SER B 145 -7.66 25.18 5.74
C SER B 145 -8.26 26.30 6.59
N GLU B 146 -8.22 26.13 7.92
CA GLU B 146 -8.94 27.00 8.82
C GLU B 146 -8.18 27.09 10.14
N THR B 147 -8.55 28.07 10.96
CA THR B 147 -8.04 28.13 12.32
C THR B 147 -8.77 27.16 13.24
N SER B 148 -9.99 26.77 12.89
CA SER B 148 -10.76 25.78 13.65
C SER B 148 -11.36 24.78 12.68
N PHE B 149 -11.36 23.52 13.08
CA PHE B 149 -11.86 22.46 12.21
C PHE B 149 -13.36 22.63 11.98
N PRO B 150 -13.83 22.63 10.72
CA PRO B 150 -15.29 22.74 10.44
C PRO B 150 -16.02 21.40 10.54
N VAL B 151 -16.37 21.02 11.77
CA VAL B 151 -17.00 19.72 12.00
C VAL B 151 -18.36 19.66 11.32
N THR B 152 -19.09 20.76 11.28
CA THR B 152 -20.44 20.73 10.73
C THR B 152 -20.42 20.41 9.23
N ASP B 153 -19.50 21.04 8.50
CA ASP B 153 -19.39 20.77 7.06
C ASP B 153 -18.91 19.34 6.81
N ALA B 154 -17.86 18.93 7.53
CA ALA B 154 -17.33 17.58 7.35
C ALA B 154 -18.42 16.54 7.60
N SER B 155 -19.19 16.71 8.67
CA SER B 155 -20.24 15.75 9.00
C SER B 155 -21.29 15.70 7.89
N SER B 156 -21.69 16.87 7.37
CA SER B 156 -22.72 16.89 6.35
C SER B 156 -22.23 16.24 5.06
N ARG B 157 -20.94 16.38 4.75
CA ARG B 157 -20.38 15.71 3.58
C ARG B 157 -20.41 14.19 3.77
N PHE B 158 -19.91 13.70 4.91
CA PHE B 158 -19.92 12.27 5.18
C PHE B 158 -21.35 11.73 5.15
N ASN B 159 -22.30 12.45 5.76
CA ASN B 159 -23.67 11.96 5.80
C ASN B 159 -24.29 11.88 4.42
N ALA B 160 -24.03 12.88 3.56
CA ALA B 160 -24.61 12.86 2.23
C ALA B 160 -24.08 11.69 1.40
N SER B 161 -22.84 11.25 1.66
CA SER B 161 -22.27 10.12 0.94
C SER B 161 -22.64 8.78 1.57
N ALA B 162 -23.00 8.75 2.85
CA ALA B 162 -23.34 7.51 3.55
C ALA B 162 -24.85 7.25 3.49
N VAL B 182 -17.37 -6.27 -1.35
CA VAL B 182 -18.56 -6.34 -0.50
C VAL B 182 -18.33 -7.29 0.69
N PHE B 183 -17.09 -7.70 0.88
CA PHE B 183 -16.66 -8.56 1.98
C PHE B 183 -15.78 -7.80 2.94
N PRO B 184 -15.55 -8.33 4.16
CA PRO B 184 -14.67 -7.67 5.12
C PRO B 184 -13.40 -7.08 4.50
N ALA B 185 -12.94 -5.95 5.03
CA ALA B 185 -11.79 -5.26 4.45
C ALA B 185 -10.53 -6.11 4.63
N ARG B 186 -9.77 -6.25 3.55
CA ARG B 186 -8.49 -6.96 3.57
C ARG B 186 -7.34 -5.97 3.44
N ALA B 187 -6.12 -6.49 3.57
CA ALA B 187 -4.95 -5.62 3.49
C ALA B 187 -4.91 -4.89 2.15
N ASP B 188 -5.25 -5.58 1.06
CA ASP B 188 -5.18 -4.92 -0.25
C ASP B 188 -6.20 -3.80 -0.37
N ASP B 189 -7.37 -3.95 0.27
CA ASP B 189 -8.36 -2.87 0.27
C ASP B 189 -7.81 -1.64 0.97
N VAL B 190 -7.23 -1.83 2.16
CA VAL B 190 -6.77 -0.71 2.95
C VAL B 190 -5.54 -0.07 2.32
N GLN B 191 -4.63 -0.88 1.77
CA GLN B 191 -3.46 -0.32 1.10
C GLN B 191 -3.90 0.51 -0.09
N LEU B 192 -4.93 0.06 -0.80
CA LEU B 192 -5.47 0.83 -1.90
C LEU B 192 -5.92 2.21 -1.42
N TRP B 193 -6.66 2.26 -0.31
CA TRP B 193 -7.16 3.55 0.16
C TRP B 193 -6.06 4.37 0.83
N ALA B 194 -5.06 3.72 1.42
CA ALA B 194 -3.92 4.47 1.95
C ALA B 194 -3.15 5.15 0.81
N ALA B 195 -3.09 4.50 -0.34
CA ALA B 195 -2.41 5.09 -1.49
C ALA B 195 -3.23 6.24 -2.07
N VAL B 196 -4.51 5.99 -2.31
CA VAL B 196 -5.40 7.07 -2.77
C VAL B 196 -5.38 8.21 -1.77
N GLY B 197 -5.44 7.89 -0.49
CA GLY B 197 -5.49 8.90 0.54
C GLY B 197 -4.19 9.67 0.67
N THR B 198 -3.06 8.99 0.49
CA THR B 198 -1.77 9.70 0.47
C THR B 198 -1.73 10.70 -0.67
N LYS B 199 -2.15 10.27 -1.86
CA LYS B 199 -2.20 11.20 -2.99
C LYS B 199 -3.14 12.37 -2.72
N PHE B 200 -4.29 12.10 -2.09
CA PHE B 200 -5.22 13.16 -1.70
C PHE B 200 -4.54 14.15 -0.75
N ILE B 201 -3.86 13.64 0.27
CA ILE B 201 -3.13 14.51 1.20
C ILE B 201 -2.16 15.39 0.44
N CYS B 202 -1.39 14.80 -0.48
CA CYS B 202 -0.40 15.58 -1.22
C CYS B 202 -1.06 16.64 -2.07
N ARG B 203 -2.19 16.29 -2.72
CA ARG B 203 -2.89 17.28 -3.54
C ARG B 203 -3.40 18.44 -2.69
N VAL B 204 -3.95 18.13 -1.50
CA VAL B 204 -4.48 19.17 -0.64
C VAL B 204 -3.39 20.14 -0.21
N VAL B 205 -2.28 19.61 0.33
CA VAL B 205 -1.21 20.47 0.81
C VAL B 205 -0.64 21.32 -0.32
N SER B 206 -0.63 20.78 -1.55
CA SER B 206 -0.11 21.55 -2.67
C SER B 206 -1.03 22.71 -3.06
N ALA B 207 -2.34 22.56 -2.85
CA ALA B 207 -3.31 23.62 -3.17
C ALA B 207 -4.40 23.60 -2.11
N PRO B 208 -4.12 24.16 -0.94
CA PRO B 208 -5.07 24.02 0.17
C PRO B 208 -6.38 24.74 -0.08
N GLY B 209 -7.43 24.20 0.52
CA GLY B 209 -8.76 24.79 0.41
C GLY B 209 -9.78 23.85 1.01
N ARG B 210 -11.05 24.21 0.86
CA ARG B 210 -12.14 23.35 1.29
C ARG B 210 -12.39 22.31 0.20
N ILE B 211 -12.17 21.04 0.52
CA ILE B 211 -12.18 19.97 -0.47
C ILE B 211 -12.88 18.75 0.13
N TYR B 212 -13.77 18.15 -0.63
CA TYR B 212 -14.36 16.87 -0.25
C TYR B 212 -14.48 15.98 -1.48
N GLU B 213 -14.03 14.73 -1.33
CA GLU B 213 -14.09 13.74 -2.40
C GLU B 213 -14.48 12.41 -1.78
N TYR B 214 -15.35 11.67 -2.48
CA TYR B 214 -15.74 10.33 -2.08
C TYR B 214 -15.34 9.36 -3.19
N PHE B 215 -14.51 8.37 -2.85
CA PHE B 215 -14.01 7.39 -3.79
C PHE B 215 -14.69 6.05 -3.54
N LYS B 216 -14.92 5.30 -4.62
CA LYS B 216 -15.46 3.94 -4.56
C LYS B 216 -14.56 3.01 -5.36
N GLN B 217 -14.29 1.82 -4.82
CA GLN B 217 -13.49 0.83 -5.55
C GLN B 217 -14.40 -0.23 -6.17
N MET B 218 -14.01 -0.68 -7.36
CA MET B 218 -14.71 -1.76 -8.06
C MET B 218 -14.04 -3.08 -7.74
N PRO B 219 -14.67 -4.20 -8.07
CA PRO B 219 -14.07 -5.51 -7.75
C PRO B 219 -12.68 -5.72 -8.33
N ASP B 220 -12.39 -5.14 -9.49
CA ASP B 220 -11.07 -5.29 -10.12
C ASP B 220 -10.06 -4.27 -9.64
N GLY B 221 -10.38 -3.52 -8.58
CA GLY B 221 -9.47 -2.53 -8.07
C GLY B 221 -9.49 -1.20 -8.79
N THR B 222 -10.31 -1.03 -9.81
CA THR B 222 -10.48 0.31 -10.37
C THR B 222 -11.19 1.21 -9.34
N VAL B 223 -11.04 2.51 -9.54
CA VAL B 223 -11.45 3.49 -8.55
C VAL B 223 -12.19 4.61 -9.26
N GLU B 224 -13.43 4.86 -8.83
CA GLU B 224 -14.24 5.98 -9.30
C GLU B 224 -14.36 7.03 -8.20
N LYS B 225 -14.73 8.24 -8.59
CA LYS B 225 -14.67 9.39 -7.69
C LYS B 225 -15.92 10.25 -7.86
N GLU B 226 -16.37 10.82 -6.75
CA GLU B 226 -17.44 11.82 -6.75
C GLU B 226 -17.00 12.98 -5.87
N PRO B 227 -16.60 14.11 -6.45
CA PRO B 227 -16.27 15.28 -5.62
C PRO B 227 -17.50 16.16 -5.36
N HIS B 228 -17.44 16.89 -4.25
CA HIS B 228 -18.48 17.86 -3.93
C HIS B 228 -18.14 19.18 -4.58
N GLU B 229 -19.16 19.81 -5.19
CA GLU B 229 -19.00 21.12 -5.83
C GLU B 229 -19.44 22.17 -4.82
N TYR B 230 -18.46 22.82 -4.18
CA TYR B 230 -18.76 23.89 -3.22
C TYR B 230 -19.15 25.18 -3.93
N GLY C 9 -18.78 4.80 13.79
CA GLY C 9 -18.64 5.92 12.87
C GLY C 9 -18.29 5.46 11.47
N ARG C 10 -17.07 5.74 11.06
CA ARG C 10 -16.47 5.20 9.85
C ARG C 10 -15.34 4.27 10.27
N PHE C 11 -14.68 3.67 9.29
CA PHE C 11 -13.64 2.68 9.56
C PHE C 11 -12.28 3.25 9.19
N ALA C 12 -11.37 3.23 10.15
CA ALA C 12 -9.98 3.61 9.87
C ALA C 12 -9.01 2.78 10.70
N THR D 8 8.88 -2.70 -24.68
CA THR D 8 8.17 -1.87 -23.70
C THR D 8 8.94 -1.77 -22.40
N GLY D 9 9.05 -0.54 -21.87
CA GLY D 9 9.66 -0.35 -20.58
C GLY D 9 8.77 -0.80 -19.44
N ARG D 10 9.24 -1.77 -18.67
CA ARG D 10 8.48 -2.29 -17.53
C ARG D 10 9.36 -2.26 -16.29
N PHE D 11 8.75 -1.93 -15.16
CA PHE D 11 9.50 -1.71 -13.94
C PHE D 11 8.76 -2.28 -12.74
N ALA D 12 9.52 -2.90 -11.85
CA ALA D 12 8.93 -3.53 -10.67
C ALA D 12 9.90 -3.51 -9.50
#